data_5CEC
#
_entry.id   5CEC
#
_cell.length_a   51.610
_cell.length_b   59.170
_cell.length_c   192.270
_cell.angle_alpha   90.000
_cell.angle_beta   90.000
_cell.angle_gamma   90.000
#
_symmetry.space_group_name_H-M   'P 21 21 21'
#
loop_
_entity.id
_entity.type
_entity.pdbx_description
1 polymer Bd3459
2 polymer Bd3460
3 non-polymer 'SULFATE ION'
4 water water
#
loop_
_entity_poly.entity_id
_entity_poly.type
_entity_poly.pdbx_seq_one_letter_code
_entity_poly.pdbx_strand_id
1 'polypeptide(L)'
;MKYSQCLKGEVVMIPALAKKILHVTVGTLLVSSAASMMVYLNSMCHMAANSKTQQIQGDDNKDDKFPLASISKVVTTLWA
VDRLGPDYRFKTKLHVTPTANGSYDIHIEGSRDPLFGRNMSYFLISELNRMKITKIEKLTFDENFLLAWLAEEKPMIGGT
TPKYDTVEQQASIVRATLTSSFATAISPGYYTILKTKAARIGVQMSNRPKIDVRTISFVKKAEFQKNEKSTTMVLMSAPL
KTILKRMNNQSNNYIADNLYWNLGGTEAFNAYIAGKMQADTSDIEFHNGSGNNEGSVAKPVYNEATCEMMIKVLYSLDKS
LSAKGYDLSDVMAVAAKDKASTVGSYGGVMAGSTTAKTGSVNKAKTLMGSVSTKNGEIYFAVLMHTDYDKSRSDWGVASQ
QIKNKVSQLINQNGGPKAIKYTEQLPLPFDKYSYLTKANTITTEKK
;
A
2 'polypeptide(L)'
;MKKSYLLAALIFFLAGLLHGTAFAMSGKSSKALNEAAEQGDLAKVKNLVQKNKIDLNAQDETGMTPLMNAAMGGNLDIVK
FLLSKKVNLELKNNGGETALAFAVTNDAYDVAEELIKAGANVDIIVAGDEGDTLFMRAAQNNKKTAESILAKNKSLINKA
NTLGETALFAVARYGTPADIDFLIKKGADLKLKNKKGQTALDVAKEASNQDTAKALSKKKLEHHHHHHHH
;
B
#
loop_
_chem_comp.id
_chem_comp.type
_chem_comp.name
_chem_comp.formula
SO4 non-polymer 'SULFATE ION' 'O4 S -2'
#
# COMPACT_ATOMS: atom_id res chain seq x y z
N MET A 38 -11.04 19.68 -6.30
CA MET A 38 -10.26 20.79 -5.70
C MET A 38 -9.57 20.24 -4.51
N VAL A 39 -8.36 20.69 -4.30
CA VAL A 39 -7.59 20.19 -3.17
C VAL A 39 -7.49 21.26 -2.10
N TYR A 40 -7.83 20.88 -0.86
CA TYR A 40 -7.53 21.71 0.31
C TYR A 40 -7.45 20.84 1.52
N LEU A 41 -6.85 21.39 2.58
CA LEU A 41 -6.70 20.69 3.83
C LEU A 41 -8.03 20.57 4.56
N ASN A 42 -8.35 19.36 5.04
CA ASN A 42 -9.41 19.17 6.02
C ASN A 42 -8.85 19.43 7.41
N SER A 43 -7.83 18.66 7.80
CA SER A 43 -7.14 18.90 9.07
C SER A 43 -5.77 18.26 9.11
N MET A 44 -4.85 18.91 9.84
CA MET A 44 -3.56 18.33 10.21
C MET A 44 -3.34 18.51 11.68
N CYS A 45 -2.79 17.48 12.28
CA CYS A 45 -2.47 17.53 13.70
C CYS A 45 -1.16 16.75 13.96
N HIS A 46 -0.57 16.99 15.11
CA HIS A 46 0.66 16.32 15.49
C HIS A 46 0.83 16.30 17.01
N MET A 47 1.71 15.44 17.52
CA MET A 47 2.01 15.43 18.96
C MET A 47 3.35 14.75 19.13
N ALA A 48 4.24 15.35 19.94
CA ALA A 48 5.51 14.67 20.26
C ALA A 48 5.19 13.39 21.04
N ALA A 49 5.88 12.30 20.73
CA ALA A 49 5.62 11.00 21.39
C ALA A 49 5.82 11.01 22.89
N ASN A 50 6.80 11.80 23.31
CA ASN A 50 7.15 11.95 24.70
C ASN A 50 6.39 13.07 25.44
N SER A 51 5.35 13.63 24.82
CA SER A 51 4.59 14.72 25.45
C SER A 51 4.10 14.36 26.86
N LYS A 52 4.41 15.22 27.84
CA LYS A 52 3.92 15.04 29.22
C LYS A 52 2.42 15.31 29.35
N THR A 53 1.94 16.31 28.62
CA THR A 53 0.54 16.74 28.69
C THR A 53 -0.31 15.86 27.77
N GLN A 54 0.31 15.24 26.75
CA GLN A 54 -0.41 14.55 25.67
C GLN A 54 -1.49 15.44 25.02
N GLN A 55 -1.20 16.74 24.95
CA GLN A 55 -2.06 17.67 24.23
C GLN A 55 -1.74 17.55 22.75
N ILE A 56 -2.77 17.33 21.98
CA ILE A 56 -2.62 17.24 20.52
C ILE A 56 -2.62 18.64 19.91
N GLN A 57 -1.64 18.91 19.04
CA GLN A 57 -1.50 20.21 18.38
C GLN A 57 -2.11 20.11 16.99
N GLY A 58 -2.80 21.14 16.55
CA GLY A 58 -3.27 21.18 15.18
C GLY A 58 -4.34 22.21 15.05
N ASP A 59 -4.97 22.24 13.87
CA ASP A 59 -5.98 23.23 13.56
C ASP A 59 -7.35 23.00 14.25
N ASP A 60 -8.28 23.94 14.06
CA ASP A 60 -9.63 23.85 14.68
C ASP A 60 -10.51 22.75 14.16
N ASN A 61 -10.10 22.11 13.05
CA ASN A 61 -10.86 21.00 12.54
C ASN A 61 -10.32 19.69 13.01
N LYS A 62 -9.40 19.69 13.98
CA LYS A 62 -8.78 18.42 14.43
C LYS A 62 -9.75 17.48 15.15
N ASP A 63 -10.89 18.01 15.60
CA ASP A 63 -11.94 17.22 16.25
CA ASP A 63 -11.96 17.25 16.26
C ASP A 63 -13.18 16.98 15.37
N ASP A 64 -13.04 17.19 14.05
CA ASP A 64 -14.13 16.93 13.08
C ASP A 64 -13.85 15.66 12.30
N LYS A 65 -14.90 14.87 12.02
CA LYS A 65 -14.70 13.62 11.26
C LYS A 65 -14.49 13.90 9.77
N PHE A 66 -13.52 13.21 9.16
CA PHE A 66 -13.28 13.25 7.71
C PHE A 66 -13.02 11.84 7.19
N PRO A 67 -13.20 11.62 5.88
CA PRO A 67 -12.85 10.33 5.31
C PRO A 67 -11.37 10.00 5.49
N LEU A 68 -11.09 8.78 5.91
CA LEU A 68 -9.73 8.34 6.19
C LEU A 68 -9.05 7.65 5.03
N ALA A 69 -9.83 7.01 4.18
CA ALA A 69 -9.28 6.08 3.19
C ALA A 69 -8.40 5.05 3.91
N SER A 70 -7.29 4.63 3.32
CA SER A 70 -6.54 3.50 3.85
C SER A 70 -5.73 3.80 5.12
N ILE A 71 -5.68 5.04 5.62
CA ILE A 71 -5.15 5.17 6.99
C ILE A 71 -6.04 4.48 8.02
N SER A 72 -7.27 4.16 7.62
CA SER A 72 -8.09 3.23 8.39
C SER A 72 -7.32 1.96 8.81
N LYS A 73 -6.43 1.51 7.93
CA LYS A 73 -5.68 0.26 8.20
C LYS A 73 -4.79 0.36 9.43
N VAL A 74 -4.38 1.58 9.80
CA VAL A 74 -3.61 1.73 11.03
C VAL A 74 -4.50 1.47 12.26
N VAL A 75 -5.78 1.85 12.16
CA VAL A 75 -6.73 1.58 13.24
C VAL A 75 -6.97 0.07 13.35
N THR A 76 -7.16 -0.57 12.21
CA THR A 76 -7.30 -2.06 12.20
C THR A 76 -6.02 -2.74 12.78
N THR A 77 -4.86 -2.17 12.46
CA THR A 77 -3.57 -2.66 12.97
C THR A 77 -3.57 -2.59 14.50
N LEU A 78 -3.97 -1.45 15.06
CA LEU A 78 -4.03 -1.31 16.53
C LEU A 78 -4.98 -2.37 17.11
N TRP A 79 -6.18 -2.49 16.53
CA TRP A 79 -7.16 -3.43 17.06
C TRP A 79 -6.57 -4.84 17.08
N ALA A 80 -5.96 -5.27 15.96
CA ALA A 80 -5.39 -6.60 15.87
C ALA A 80 -4.22 -6.78 16.87
N VAL A 81 -3.33 -5.78 16.95
CA VAL A 81 -2.19 -5.87 17.90
C VAL A 81 -2.70 -6.03 19.33
N ASP A 82 -3.72 -5.27 19.68
CA ASP A 82 -4.30 -5.35 21.04
C ASP A 82 -5.03 -6.68 21.28
N ARG A 83 -5.80 -7.15 20.31
CA ARG A 83 -6.61 -8.36 20.52
C ARG A 83 -5.77 -9.63 20.42
N LEU A 84 -4.79 -9.65 19.52
CA LEU A 84 -4.01 -10.87 19.24
C LEU A 84 -2.58 -10.87 19.72
N GLY A 85 -1.96 -9.71 19.70
CA GLY A 85 -0.54 -9.56 19.98
C GLY A 85 0.28 -9.61 18.70
N PRO A 86 1.36 -8.82 18.64
CA PRO A 86 2.17 -8.78 17.40
C PRO A 86 2.89 -10.07 17.05
N ASP A 87 3.05 -10.97 18.00
CA ASP A 87 3.71 -12.25 17.77
C ASP A 87 2.72 -13.38 17.54
N TYR A 88 1.43 -13.05 17.48
CA TYR A 88 0.40 -14.09 17.26
C TYR A 88 0.62 -14.76 15.90
N ARG A 89 0.41 -16.07 15.84
CA ARG A 89 0.38 -16.78 14.57
C ARG A 89 -0.96 -17.50 14.37
N PHE A 90 -1.44 -17.47 13.13
CA PHE A 90 -2.65 -18.17 12.75
C PHE A 90 -2.23 -19.61 12.52
N LYS A 91 -2.83 -20.50 13.30
CA LYS A 91 -2.39 -21.93 13.36
C LYS A 91 -3.37 -22.78 12.58
N THR A 92 -3.15 -22.89 11.26
CA THR A 92 -4.01 -23.73 10.41
C THR A 92 -3.61 -25.18 10.70
N LYS A 93 -4.60 -26.03 10.96
CA LYS A 93 -4.35 -27.42 11.30
C LYS A 93 -4.77 -28.34 10.17
N LEU A 94 -3.93 -29.30 9.85
CA LEU A 94 -4.25 -30.32 8.86
C LEU A 94 -4.35 -31.63 9.63
N HIS A 95 -5.47 -32.29 9.47
CA HIS A 95 -5.72 -33.60 10.07
C HIS A 95 -5.49 -34.63 8.99
N VAL A 96 -4.40 -35.39 9.12
CA VAL A 96 -3.86 -36.21 8.03
C VAL A 96 -4.04 -37.69 8.35
N THR A 97 -4.70 -38.43 7.47
CA THR A 97 -4.93 -39.86 7.68
C THR A 97 -4.47 -40.66 6.45
N PRO A 98 -3.62 -41.69 6.65
CA PRO A 98 -3.23 -42.51 5.49
C PRO A 98 -4.41 -43.33 4.95
N THR A 99 -4.45 -43.55 3.64
CA THR A 99 -5.48 -44.40 3.04
C THR A 99 -4.84 -45.63 2.45
N ALA A 100 -5.68 -46.63 2.19
CA ALA A 100 -5.22 -47.95 1.73
C ALA A 100 -4.32 -47.95 0.49
N ASN A 101 -4.46 -46.95 -0.40
CA ASN A 101 -3.68 -46.90 -1.66
C ASN A 101 -2.38 -46.05 -1.65
N GLY A 102 -1.86 -45.72 -0.47
CA GLY A 102 -0.65 -44.87 -0.33
C GLY A 102 -0.91 -43.37 -0.40
N SER A 103 -2.18 -42.99 -0.50
CA SER A 103 -2.56 -41.59 -0.47
C SER A 103 -2.92 -41.20 0.96
N TYR A 104 -3.43 -39.97 1.10
CA TYR A 104 -3.84 -39.44 2.39
C TYR A 104 -5.15 -38.72 2.25
N ASP A 105 -5.96 -38.79 3.30
CA ASP A 105 -7.09 -37.88 3.48
C ASP A 105 -6.64 -36.74 4.35
N ILE A 106 -7.05 -35.52 4.01
CA ILE A 106 -6.65 -34.35 4.78
C ILE A 106 -7.84 -33.47 5.02
N HIS A 107 -8.07 -33.12 6.28
CA HIS A 107 -9.07 -32.12 6.64
C HIS A 107 -8.36 -30.87 7.13
N ILE A 108 -8.65 -29.71 6.52
CA ILE A 108 -8.11 -28.43 6.96
C ILE A 108 -9.04 -27.76 7.98
N GLU A 109 -8.56 -27.65 9.21
CA GLU A 109 -9.20 -26.92 10.26
C GLU A 109 -8.62 -25.52 10.22
N GLY A 110 -9.40 -24.58 9.68
CA GLY A 110 -8.85 -23.25 9.44
C GLY A 110 -8.61 -22.42 10.68
N SER A 111 -7.78 -21.40 10.50
CA SER A 111 -7.46 -20.45 11.53
C SER A 111 -7.92 -19.02 11.22
N ARG A 112 -8.59 -18.83 10.07
CA ARG A 112 -8.91 -17.49 9.55
C ARG A 112 -7.68 -16.64 9.26
N ASP A 113 -6.57 -17.33 8.93
CA ASP A 113 -5.35 -16.65 8.46
C ASP A 113 -5.80 -15.73 7.31
N PRO A 114 -5.50 -14.42 7.43
CA PRO A 114 -5.96 -13.43 6.44
C PRO A 114 -4.99 -13.18 5.31
N LEU A 115 -3.98 -14.03 5.19
CA LEU A 115 -3.00 -13.94 4.11
C LEU A 115 -2.73 -15.31 3.53
N PHE A 116 -3.79 -16.06 3.30
CA PHE A 116 -3.70 -17.43 2.81
C PHE A 116 -4.22 -17.43 1.38
N GLY A 117 -3.28 -17.37 0.45
CA GLY A 117 -3.57 -17.34 -0.96
C GLY A 117 -2.54 -18.15 -1.71
N ARG A 118 -2.18 -17.67 -2.89
CA ARG A 118 -1.16 -18.34 -3.72
C ARG A 118 0.07 -18.74 -2.95
N ASN A 119 0.71 -17.78 -2.29
CA ASN A 119 2.07 -18.04 -1.78
C ASN A 119 2.07 -18.96 -0.57
N MET A 120 1.12 -18.79 0.35
CA MET A 120 0.98 -19.76 1.44
C MET A 120 0.63 -21.17 0.92
N SER A 121 -0.15 -21.22 -0.15
CA SER A 121 -0.53 -22.49 -0.75
C SER A 121 0.70 -23.17 -1.35
N TYR A 122 1.54 -22.40 -2.05
CA TYR A 122 2.79 -22.95 -2.56
C TYR A 122 3.67 -23.49 -1.45
N PHE A 123 3.76 -22.76 -0.35
CA PHE A 123 4.52 -23.25 0.80
C PHE A 123 3.92 -24.52 1.37
N LEU A 124 2.61 -24.54 1.51
CA LEU A 124 1.97 -25.75 2.03
C LEU A 124 2.23 -26.96 1.12
N ILE A 125 2.14 -26.74 -0.19
CA ILE A 125 2.39 -27.84 -1.13
C ILE A 125 3.83 -28.32 -1.05
N SER A 126 4.77 -27.37 -1.00
CA SER A 126 6.17 -27.72 -0.77
C SER A 126 6.33 -28.57 0.52
N GLU A 127 5.65 -28.16 1.58
CA GLU A 127 5.71 -28.90 2.84
C GLU A 127 5.08 -30.27 2.76
N LEU A 128 3.92 -30.39 2.10
CA LEU A 128 3.32 -31.70 1.90
C LEU A 128 4.30 -32.61 1.17
N ASN A 129 4.90 -32.09 0.10
CA ASN A 129 5.90 -32.87 -0.63
C ASN A 129 7.11 -33.26 0.23
N ARG A 130 7.57 -32.33 1.07
CA ARG A 130 8.67 -32.63 2.00
C ARG A 130 8.31 -33.80 2.92
N MET A 131 7.03 -33.90 3.29
CA MET A 131 6.49 -35.00 4.09
C MET A 131 6.14 -36.25 3.30
N LYS A 132 6.46 -36.30 2.02
CA LYS A 132 6.12 -37.44 1.12
C LYS A 132 4.60 -37.57 0.93
N ILE A 133 3.88 -36.44 1.00
CA ILE A 133 2.48 -36.39 0.65
C ILE A 133 2.40 -35.79 -0.75
N THR A 134 2.04 -36.61 -1.72
CA THR A 134 1.92 -36.18 -3.11
C THR A 134 0.53 -36.41 -3.70
N LYS A 135 -0.24 -37.30 -3.07
CA LYS A 135 -1.58 -37.64 -3.52
C LYS A 135 -2.50 -37.55 -2.33
N ILE A 136 -3.55 -36.77 -2.50
CA ILE A 136 -4.60 -36.60 -1.51
C ILE A 136 -5.88 -37.16 -2.11
N GLU A 137 -6.50 -38.08 -1.39
CA GLU A 137 -7.71 -38.69 -1.86
C GLU A 137 -8.89 -37.76 -1.59
N LYS A 138 -9.13 -37.43 -0.34
CA LYS A 138 -10.19 -36.54 0.04
C LYS A 138 -9.57 -35.36 0.80
N LEU A 139 -9.73 -34.17 0.24
CA LEU A 139 -9.36 -32.93 0.88
C LEU A 139 -10.61 -32.22 1.33
N THR A 140 -10.76 -32.02 2.63
CA THR A 140 -11.90 -31.28 3.16
C THR A 140 -11.41 -30.09 3.96
N PHE A 141 -12.31 -29.14 4.21
CA PHE A 141 -11.95 -27.89 4.85
C PHE A 141 -13.16 -27.31 5.55
N ASP A 142 -12.93 -26.55 6.61
CA ASP A 142 -14.02 -25.94 7.38
C ASP A 142 -14.18 -24.45 7.06
N GLU A 143 -15.11 -23.83 7.77
CA GLU A 143 -15.51 -22.47 7.50
C GLU A 143 -14.52 -21.41 7.97
N ASN A 144 -13.44 -21.83 8.61
CA ASN A 144 -12.40 -20.91 8.99
C ASN A 144 -11.21 -20.97 8.08
N PHE A 145 -11.28 -21.83 7.04
CA PHE A 145 -10.21 -21.88 6.05
C PHE A 145 -10.51 -20.86 4.97
N LEU A 146 -9.91 -19.70 5.12
CA LEU A 146 -10.06 -18.62 4.16
C LEU A 146 -8.95 -18.75 3.14
N LEU A 147 -9.33 -18.85 1.89
CA LEU A 147 -8.40 -19.01 0.78
C LEU A 147 -8.82 -18.07 -0.34
N ALA A 148 -7.93 -17.14 -0.67
CA ALA A 148 -8.14 -16.18 -1.77
C ALA A 148 -6.85 -16.16 -2.53
N TRP A 149 -6.86 -16.75 -3.72
CA TRP A 149 -5.63 -16.94 -4.44
C TRP A 149 -4.82 -15.66 -4.61
N LEU A 150 -5.51 -14.59 -4.99
CA LEU A 150 -4.88 -13.31 -5.28
C LEU A 150 -4.80 -12.38 -4.04
N ALA A 151 -4.79 -12.97 -2.84
CA ALA A 151 -4.81 -12.18 -1.58
C ALA A 151 -3.78 -11.05 -1.52
N GLU A 152 -2.58 -11.29 -2.08
CA GLU A 152 -1.49 -10.32 -2.11
C GLU A 152 -1.23 -9.66 -3.43
N GLU A 153 -2.18 -9.74 -4.34
CA GLU A 153 -1.97 -9.32 -5.71
C GLU A 153 -3.11 -8.44 -6.17
N LYS A 154 -2.89 -7.75 -7.28
CA LYS A 154 -3.89 -6.93 -7.90
C LYS A 154 -4.84 -7.86 -8.60
N PRO A 155 -6.15 -7.61 -8.58
CA PRO A 155 -6.80 -6.41 -8.06
C PRO A 155 -7.31 -6.50 -6.63
N MET A 156 -6.95 -7.52 -5.86
CA MET A 156 -7.47 -7.64 -4.51
C MET A 156 -6.86 -6.63 -3.55
N ILE A 157 -5.63 -6.22 -3.79
CA ILE A 157 -4.97 -5.22 -2.94
C ILE A 157 -5.87 -3.98 -2.81
N GLY A 158 -6.38 -3.51 -3.94
CA GLY A 158 -7.15 -2.25 -3.95
C GLY A 158 -8.63 -2.41 -4.20
N GLY A 159 -9.11 -3.65 -4.25
CA GLY A 159 -10.49 -3.94 -4.63
C GLY A 159 -11.42 -4.05 -3.46
N THR A 160 -12.67 -4.35 -3.78
CA THR A 160 -13.70 -4.59 -2.78
C THR A 160 -13.52 -6.03 -2.34
N THR A 161 -13.20 -6.23 -1.07
CA THR A 161 -12.96 -7.55 -0.54
C THR A 161 -14.28 -8.32 -0.55
N PRO A 162 -14.28 -9.55 -1.09
CA PRO A 162 -15.51 -10.29 -1.08
C PRO A 162 -16.00 -10.50 0.34
N LYS A 163 -17.26 -10.21 0.57
CA LYS A 163 -17.90 -10.37 1.86
C LYS A 163 -18.98 -11.45 1.69
N TYR A 164 -18.71 -12.63 2.24
CA TYR A 164 -19.60 -13.78 2.09
C TYR A 164 -20.68 -13.74 3.15
N ASP A 165 -21.91 -13.64 2.70
CA ASP A 165 -23.04 -13.48 3.61
C ASP A 165 -23.61 -14.83 4.08
N THR A 166 -23.16 -15.93 3.47
CA THR A 166 -23.48 -17.27 3.95
C THR A 166 -22.18 -18.09 3.93
N VAL A 167 -22.11 -19.06 4.81
CA VAL A 167 -20.98 -19.97 4.84
C VAL A 167 -20.96 -20.79 3.53
N GLU A 168 -22.14 -21.09 2.99
CA GLU A 168 -22.21 -21.95 1.81
C GLU A 168 -21.62 -21.22 0.60
N GLN A 169 -21.83 -19.91 0.53
CA GLN A 169 -21.24 -19.11 -0.53
C GLN A 169 -19.72 -19.15 -0.39
N GLN A 170 -19.21 -18.88 0.80
CA GLN A 170 -17.76 -18.88 1.04
C GLN A 170 -17.18 -20.24 0.63
N ALA A 171 -17.81 -21.31 1.12
CA ALA A 171 -17.31 -22.67 0.88
C ALA A 171 -17.31 -23.06 -0.59
N SER A 172 -18.32 -22.61 -1.33
CA SER A 172 -18.40 -22.91 -2.77
C SER A 172 -17.18 -22.32 -3.47
N ILE A 173 -16.86 -21.10 -3.08
CA ILE A 173 -15.75 -20.39 -3.72
C ILE A 173 -14.40 -20.96 -3.26
N VAL A 174 -14.25 -21.32 -1.99
CA VAL A 174 -13.00 -21.95 -1.53
C VAL A 174 -12.81 -23.29 -2.24
N ARG A 175 -13.88 -24.06 -2.37
CA ARG A 175 -13.79 -25.34 -3.08
C ARG A 175 -13.33 -25.13 -4.51
N ALA A 176 -13.91 -24.15 -5.18
CA ALA A 176 -13.51 -23.83 -6.53
C ALA A 176 -12.05 -23.41 -6.65
N THR A 177 -11.58 -22.60 -5.70
CA THR A 177 -10.19 -22.17 -5.72
C THR A 177 -9.26 -23.35 -5.41
N LEU A 178 -9.64 -24.21 -4.47
CA LEU A 178 -8.87 -25.43 -4.21
C LEU A 178 -8.78 -26.28 -5.46
N THR A 179 -9.88 -26.41 -6.19
CA THR A 179 -9.93 -27.27 -7.36
C THR A 179 -9.13 -26.67 -8.51
N SER A 180 -9.25 -25.36 -8.74
CA SER A 180 -8.68 -24.78 -9.95
CA SER A 180 -8.71 -24.72 -9.94
C SER A 180 -7.29 -24.21 -9.77
N SER A 181 -6.90 -23.95 -8.51
CA SER A 181 -5.60 -23.34 -8.22
C SER A 181 -4.73 -24.16 -7.30
N PHE A 182 -5.25 -24.58 -6.14
CA PHE A 182 -4.40 -25.31 -5.20
C PHE A 182 -3.99 -26.67 -5.79
N ALA A 183 -4.91 -27.29 -6.54
CA ALA A 183 -4.73 -28.66 -7.00
C ALA A 183 -4.21 -28.76 -8.44
N THR A 184 -3.83 -27.65 -9.06
CA THR A 184 -3.40 -27.66 -10.45
C THR A 184 -1.95 -27.18 -10.57
N ALA A 185 -1.39 -27.38 -11.74
CA ALA A 185 0.03 -27.15 -11.98
C ALA A 185 0.48 -25.79 -11.45
N ILE A 186 1.55 -25.83 -10.67
CA ILE A 186 2.08 -24.62 -10.05
C ILE A 186 2.86 -23.80 -11.06
N SER A 187 2.54 -22.51 -11.13
CA SER A 187 3.21 -21.57 -12.00
C SER A 187 4.70 -21.52 -11.73
N PRO A 188 5.53 -21.91 -12.73
CA PRO A 188 6.97 -21.85 -12.44
C PRO A 188 7.51 -20.45 -12.15
N GLY A 189 6.94 -19.42 -12.76
CA GLY A 189 7.43 -18.07 -12.56
C GLY A 189 7.09 -17.57 -11.17
N TYR A 190 5.82 -17.67 -10.78
CA TYR A 190 5.44 -17.20 -9.44
C TYR A 190 6.09 -18.05 -8.35
N TYR A 191 6.22 -19.37 -8.58
CA TYR A 191 6.84 -20.21 -7.57
C TYR A 191 8.32 -19.86 -7.39
N THR A 192 9.08 -19.66 -8.48
CA THR A 192 10.51 -19.36 -8.30
C THR A 192 10.75 -17.97 -7.66
N ILE A 193 9.89 -17.00 -7.96
CA ILE A 193 9.98 -15.68 -7.30
C ILE A 193 9.80 -15.87 -5.80
N LEU A 194 8.80 -16.68 -5.42
CA LEU A 194 8.56 -16.90 -3.98
C LEU A 194 9.72 -17.66 -3.34
N LYS A 195 10.19 -18.71 -4.02
CA LYS A 195 11.22 -19.57 -3.45
C LYS A 195 12.49 -18.77 -3.18
N THR A 196 12.80 -17.83 -4.08
CA THR A 196 13.97 -16.97 -3.91
C THR A 196 13.80 -16.03 -2.72
N LYS A 197 12.62 -15.42 -2.57
CA LYS A 197 12.31 -14.62 -1.38
C LYS A 197 12.40 -15.46 -0.12
N ALA A 198 11.82 -16.65 -0.15
CA ALA A 198 11.86 -17.53 1.02
C ALA A 198 13.28 -17.85 1.47
N ALA A 199 14.14 -18.16 0.51
CA ALA A 199 15.54 -18.40 0.80
C ALA A 199 16.23 -17.20 1.47
N ARG A 200 15.87 -15.99 1.09
CA ARG A 200 16.44 -14.79 1.71
C ARG A 200 16.10 -14.65 3.21
N ILE A 201 15.00 -15.25 3.64
CA ILE A 201 14.61 -15.26 5.06
C ILE A 201 14.86 -16.63 5.70
N GLY A 202 15.66 -17.47 5.05
CA GLY A 202 16.09 -18.71 5.67
C GLY A 202 15.12 -19.87 5.61
N VAL A 203 14.15 -19.83 4.69
CA VAL A 203 13.16 -20.87 4.55
C VAL A 203 13.45 -21.73 3.31
N GLN A 204 13.42 -23.05 3.51
CA GLN A 204 13.64 -24.03 2.46
C GLN A 204 12.32 -24.40 1.79
N MET A 205 12.37 -24.53 0.47
CA MET A 205 11.22 -24.95 -0.34
C MET A 205 11.66 -26.00 -1.36
N SER A 206 10.69 -26.81 -1.77
CA SER A 206 10.94 -27.87 -2.73
C SER A 206 11.25 -27.28 -4.11
N ASN A 207 12.07 -27.98 -4.89
CA ASN A 207 12.38 -27.54 -6.24
C ASN A 207 11.24 -27.78 -7.24
N ARG A 208 10.44 -28.83 -7.03
CA ARG A 208 9.44 -29.30 -8.02
C ARG A 208 8.15 -29.65 -7.33
N PRO A 209 7.47 -28.65 -6.75
CA PRO A 209 6.26 -28.94 -6.00
C PRO A 209 5.12 -29.45 -6.86
N LYS A 210 4.45 -30.50 -6.39
CA LYS A 210 3.31 -31.06 -7.13
C LYS A 210 2.43 -31.85 -6.18
N ILE A 211 1.11 -31.67 -6.30
CA ILE A 211 0.13 -32.42 -5.52
C ILE A 211 -0.97 -32.91 -6.48
N ASP A 212 -1.56 -34.07 -6.20
CA ASP A 212 -2.75 -34.53 -6.89
C ASP A 212 -3.85 -34.66 -5.87
N VAL A 213 -5.02 -34.09 -6.14
CA VAL A 213 -6.17 -34.14 -5.22
C VAL A 213 -7.38 -34.72 -5.96
N ARG A 214 -7.99 -35.78 -5.43
CA ARG A 214 -9.10 -36.42 -6.15
C ARG A 214 -10.44 -35.75 -5.84
N THR A 215 -10.79 -35.62 -4.57
CA THR A 215 -12.10 -35.11 -4.15
C THR A 215 -11.89 -33.99 -3.16
N ILE A 216 -12.66 -32.92 -3.32
CA ILE A 216 -12.60 -31.76 -2.44
C ILE A 216 -13.99 -31.41 -1.95
N SER A 217 -14.15 -31.24 -0.64
CA SER A 217 -15.47 -30.88 -0.11
C SER A 217 -15.40 -30.12 1.20
N PHE A 218 -16.46 -29.36 1.46
CA PHE A 218 -16.61 -28.57 2.69
C PHE A 218 -17.15 -29.47 3.80
N VAL A 219 -16.49 -29.41 4.96
CA VAL A 219 -16.97 -30.05 6.20
C VAL A 219 -16.89 -29.03 7.32
N LYS A 220 -18.06 -28.64 7.85
CA LYS A 220 -18.17 -27.65 8.92
C LYS A 220 -17.44 -28.09 10.18
N LYS A 221 -16.85 -27.13 10.88
CA LYS A 221 -16.06 -27.43 12.08
C LYS A 221 -16.81 -28.31 13.09
N ALA A 222 -18.06 -27.93 13.38
CA ALA A 222 -18.89 -28.64 14.38
C ALA A 222 -19.21 -30.07 13.96
N GLU A 223 -19.18 -30.33 12.66
CA GLU A 223 -19.45 -31.65 12.10
C GLU A 223 -18.23 -32.50 11.79
N PHE A 224 -17.04 -31.97 12.03
CA PHE A 224 -15.83 -32.69 11.66
C PHE A 224 -15.52 -33.72 12.73
N GLN A 225 -15.25 -34.95 12.29
CA GLN A 225 -14.92 -36.04 13.18
C GLN A 225 -13.50 -36.49 12.87
N LYS A 226 -12.52 -36.16 13.71
CA LYS A 226 -11.14 -36.59 13.39
C LYS A 226 -11.03 -38.09 13.53
N ASN A 227 -10.37 -38.69 12.55
CA ASN A 227 -10.15 -40.14 12.51
C ASN A 227 -9.21 -40.57 13.65
N GLU A 228 -9.47 -41.73 14.25
CA GLU A 228 -8.58 -42.21 15.30
C GLU A 228 -7.14 -42.39 14.80
N LYS A 229 -6.99 -42.70 13.51
CA LYS A 229 -5.71 -42.91 12.85
C LYS A 229 -5.08 -41.63 12.25
N SER A 230 -5.70 -40.47 12.48
CA SER A 230 -5.18 -39.22 11.94
C SER A 230 -4.04 -38.64 12.81
N THR A 231 -3.23 -37.80 12.18
CA THR A 231 -2.21 -37.02 12.86
C THR A 231 -2.53 -35.53 12.59
N THR A 232 -2.48 -34.71 13.63
CA THR A 232 -2.69 -33.27 13.49
C THR A 232 -1.36 -32.60 13.27
N MET A 233 -1.26 -31.94 12.13
CA MET A 233 -0.10 -31.17 11.75
C MET A 233 -0.53 -29.70 11.78
N VAL A 234 0.40 -28.82 12.12
CA VAL A 234 0.12 -27.39 12.17
CA VAL A 234 0.16 -27.39 12.22
C VAL A 234 1.01 -26.65 11.18
N LEU A 235 0.37 -25.73 10.45
CA LEU A 235 1.04 -24.83 9.53
C LEU A 235 0.81 -23.43 10.08
N MET A 236 1.79 -22.89 10.78
CA MET A 236 1.63 -21.57 11.38
C MET A 236 1.94 -20.47 10.36
N SER A 237 1.12 -19.43 10.35
CA SER A 237 1.47 -18.24 9.59
C SER A 237 2.73 -17.59 10.14
N ALA A 238 3.30 -16.68 9.36
CA ALA A 238 4.21 -15.66 9.87
C ALA A 238 3.51 -14.92 11.04
N PRO A 239 4.30 -14.32 11.91
CA PRO A 239 3.65 -13.61 13.01
C PRO A 239 2.80 -12.45 12.51
N LEU A 240 1.83 -12.07 13.32
CA LEU A 240 0.93 -10.99 12.97
C LEU A 240 1.65 -9.71 12.54
N LYS A 241 2.74 -9.37 13.21
CA LYS A 241 3.48 -8.16 12.84
C LYS A 241 3.87 -8.19 11.35
N THR A 242 4.28 -9.36 10.86
CA THR A 242 4.68 -9.54 9.46
C THR A 242 3.47 -9.36 8.51
N ILE A 243 2.37 -9.98 8.88
CA ILE A 243 1.12 -9.85 8.11
C ILE A 243 0.71 -8.38 8.02
N LEU A 244 0.79 -7.70 9.17
CA LEU A 244 0.48 -6.27 9.23
C LEU A 244 1.44 -5.42 8.39
N LYS A 245 2.73 -5.75 8.48
CA LYS A 245 3.73 -5.05 7.65
C LYS A 245 3.39 -5.19 6.17
N ARG A 246 3.08 -6.42 5.73
CA ARG A 246 2.71 -6.62 4.32
C ARG A 246 1.47 -5.78 3.98
N MET A 247 0.46 -5.84 4.87
CA MET A 247 -0.78 -5.07 4.63
C MET A 247 -0.51 -3.59 4.47
N ASN A 248 0.27 -3.04 5.40
CA ASN A 248 0.51 -1.61 5.43
C ASN A 248 1.56 -1.15 4.42
N ASN A 249 2.34 -2.08 3.85
CA ASN A 249 3.23 -1.73 2.74
C ASN A 249 2.40 -1.59 1.45
N GLN A 250 1.54 -2.57 1.22
CA GLN A 250 0.76 -2.66 -0.03
C GLN A 250 -0.49 -1.78 0.02
N SER A 251 -1.00 -1.50 1.22
CA SER A 251 -2.36 -1.00 1.43
C SER A 251 -3.37 -2.09 1.03
N ASN A 252 -3.21 -3.27 1.61
CA ASN A 252 -3.92 -4.46 1.16
C ASN A 252 -5.33 -4.54 1.78
N ASN A 253 -6.35 -4.31 0.97
CA ASN A 253 -7.73 -4.33 1.45
C ASN A 253 -8.15 -5.70 1.95
N TYR A 254 -7.72 -6.76 1.26
CA TYR A 254 -8.13 -8.11 1.64
C TYR A 254 -7.69 -8.44 3.04
N ILE A 255 -6.43 -8.16 3.34
CA ILE A 255 -5.93 -8.45 4.68
C ILE A 255 -6.69 -7.62 5.72
N ALA A 256 -6.84 -6.33 5.44
CA ALA A 256 -7.44 -5.43 6.43
C ALA A 256 -8.90 -5.82 6.70
N ASP A 257 -9.65 -6.07 5.64
CA ASP A 257 -11.07 -6.38 5.80
C ASP A 257 -11.26 -7.70 6.53
N ASN A 258 -10.40 -8.68 6.23
CA ASN A 258 -10.53 -9.95 6.91
C ASN A 258 -10.11 -9.90 8.37
N LEU A 259 -9.09 -9.10 8.70
CA LEU A 259 -8.75 -8.92 10.10
C LEU A 259 -9.95 -8.31 10.84
N TYR A 260 -10.57 -7.28 10.25
CA TYR A 260 -11.69 -6.58 10.88
C TYR A 260 -12.86 -7.51 11.09
N TRP A 261 -13.18 -8.34 10.09
CA TRP A 261 -14.26 -9.32 10.26
C TRP A 261 -13.90 -10.40 11.27
N ASN A 262 -12.66 -10.87 11.21
CA ASN A 262 -12.20 -11.87 12.18
C ASN A 262 -12.38 -11.43 13.63
N LEU A 263 -12.12 -10.17 13.90
CA LEU A 263 -12.20 -9.63 15.24
C LEU A 263 -13.63 -9.25 15.68
N GLY A 264 -14.60 -9.47 14.78
CA GLY A 264 -16.03 -9.30 15.11
C GLY A 264 -16.78 -8.24 14.33
N GLY A 265 -16.10 -7.59 13.37
CA GLY A 265 -16.75 -6.61 12.53
C GLY A 265 -17.11 -5.34 13.27
N THR A 266 -18.06 -4.61 12.70
CA THR A 266 -18.36 -3.26 13.17
C THR A 266 -18.89 -3.21 14.59
N GLU A 267 -19.79 -4.13 14.96
CA GLU A 267 -20.29 -4.09 16.33
C GLU A 267 -19.14 -4.27 17.33
N ALA A 268 -18.22 -5.17 17.03
CA ALA A 268 -17.09 -5.42 17.92
C ALA A 268 -16.09 -4.26 17.93
N PHE A 269 -15.86 -3.68 16.75
CA PHE A 269 -14.98 -2.54 16.66
C PHE A 269 -15.51 -1.35 17.49
N ASN A 270 -16.79 -1.07 17.34
CA ASN A 270 -17.38 0.03 18.11
C ASN A 270 -17.19 -0.17 19.60
N ALA A 271 -17.38 -1.40 20.08
CA ALA A 271 -17.18 -1.67 21.52
C ALA A 271 -15.70 -1.52 21.92
N TYR A 272 -14.81 -2.03 21.07
CA TYR A 272 -13.38 -1.93 21.33
C TYR A 272 -12.94 -0.48 21.47
N ILE A 273 -13.31 0.34 20.51
CA ILE A 273 -12.84 1.70 20.49
C ILE A 273 -13.46 2.56 21.61
N ALA A 274 -14.69 2.23 21.99
CA ALA A 274 -15.34 2.89 23.11
C ALA A 274 -14.59 2.56 24.39
N GLY A 275 -14.26 1.29 24.59
CA GLY A 275 -13.47 0.89 25.75
C GLY A 275 -12.03 1.32 25.73
N LYS A 276 -11.42 1.42 24.54
CA LYS A 276 -10.01 1.79 24.43
C LYS A 276 -9.80 3.30 24.58
N MET A 277 -10.70 4.07 23.97
CA MET A 277 -10.49 5.50 23.77
C MET A 277 -11.59 6.35 24.37
N GLN A 278 -12.63 5.72 24.91
CA GLN A 278 -13.82 6.44 25.39
C GLN A 278 -14.36 7.25 24.20
N ALA A 279 -14.28 6.65 23.01
CA ALA A 279 -14.72 7.26 21.78
C ALA A 279 -16.11 6.77 21.44
N ASP A 280 -16.83 7.57 20.67
CA ASP A 280 -18.10 7.12 20.14
C ASP A 280 -18.19 7.45 18.65
N THR A 281 -19.39 7.35 18.07
CA THR A 281 -19.63 7.59 16.63
C THR A 281 -19.20 8.97 16.15
N SER A 282 -19.33 9.95 17.03
CA SER A 282 -18.92 11.32 16.73
C SER A 282 -17.40 11.48 16.56
N ASP A 283 -16.60 10.58 17.15
CA ASP A 283 -15.14 10.57 17.04
C ASP A 283 -14.64 9.69 15.89
N ILE A 284 -15.31 8.56 15.70
CA ILE A 284 -14.86 7.55 14.73
C ILE A 284 -16.03 6.66 14.34
N GLU A 285 -16.20 6.43 13.04
CA GLU A 285 -17.29 5.60 12.56
C GLU A 285 -16.74 4.76 11.44
N PHE A 286 -16.62 3.47 11.71
CA PHE A 286 -16.11 2.50 10.78
C PHE A 286 -17.21 1.56 10.28
N HIS A 287 -17.01 1.10 9.05
CA HIS A 287 -17.83 0.06 8.48
C HIS A 287 -17.00 -1.09 7.91
N ASN A 288 -15.69 -0.94 7.77
CA ASN A 288 -14.85 -1.99 7.29
C ASN A 288 -13.44 -1.74 7.80
N GLY A 289 -12.53 -2.67 7.53
CA GLY A 289 -11.18 -2.56 8.02
C GLY A 289 -10.24 -1.79 7.12
N SER A 290 -10.61 -1.67 5.85
CA SER A 290 -9.71 -1.17 4.81
C SER A 290 -9.78 0.31 4.54
N GLY A 291 -10.96 0.92 4.73
CA GLY A 291 -11.17 2.32 4.39
C GLY A 291 -11.84 2.65 3.07
N ASN A 292 -12.11 1.64 2.26
CA ASN A 292 -12.63 1.96 0.94
C ASN A 292 -14.16 2.11 1.01
N ASN A 293 -14.75 2.49 -0.10
CA ASN A 293 -16.17 2.78 -0.16
C ASN A 293 -17.02 1.53 -0.02
N GLU A 294 -17.86 1.53 1.01
CA GLU A 294 -18.77 0.43 1.33
C GLU A 294 -20.14 0.64 0.62
N GLY A 295 -20.37 1.82 0.03
CA GLY A 295 -21.62 2.14 -0.69
C GLY A 295 -21.37 2.35 -2.18
N SER A 296 -22.12 3.27 -2.78
CA SER A 296 -22.01 3.53 -4.20
C SER A 296 -21.25 4.82 -4.44
N VAL A 297 -21.02 5.11 -5.71
CA VAL A 297 -20.62 6.43 -6.11
C VAL A 297 -21.80 7.38 -5.84
N ALA A 298 -23.04 6.91 -6.06
CA ALA A 298 -24.22 7.73 -5.70
C ALA A 298 -24.24 8.07 -4.18
N LYS A 299 -24.26 7.03 -3.35
CA LYS A 299 -24.30 7.17 -1.88
C LYS A 299 -23.10 6.49 -1.20
N PRO A 300 -21.98 7.20 -1.12
CA PRO A 300 -20.78 6.58 -0.53
C PRO A 300 -20.87 6.38 0.98
N VAL A 301 -20.17 5.37 1.47
CA VAL A 301 -20.03 5.13 2.88
C VAL A 301 -18.55 4.87 3.12
N TYR A 302 -17.86 5.82 3.77
CA TYR A 302 -16.42 5.72 4.05
C TYR A 302 -16.21 5.71 5.56
N ASN A 303 -15.21 4.96 6.02
CA ASN A 303 -14.77 5.12 7.39
C ASN A 303 -14.35 6.59 7.57
N GLU A 304 -14.77 7.17 8.70
CA GLU A 304 -14.39 8.53 9.05
C GLU A 304 -13.92 8.59 10.47
N ALA A 305 -13.00 9.51 10.74
CA ALA A 305 -12.60 9.80 12.12
C ALA A 305 -11.97 11.16 12.18
N THR A 306 -11.73 11.63 13.40
CA THR A 306 -11.06 12.89 13.60
C THR A 306 -9.54 12.73 13.47
N CYS A 307 -8.88 13.83 13.17
CA CYS A 307 -7.42 13.87 13.12
C CYS A 307 -6.86 13.54 14.53
N GLU A 308 -7.47 14.10 15.59
CA GLU A 308 -7.08 13.77 16.97
C GLU A 308 -7.13 12.27 17.24
N MET A 309 -8.18 11.61 16.74
CA MET A 309 -8.30 10.16 16.92
C MET A 309 -7.12 9.43 16.27
N MET A 310 -6.68 9.90 15.09
CA MET A 310 -5.53 9.29 14.46
C MET A 310 -4.25 9.39 15.30
N ILE A 311 -4.04 10.53 15.93
CA ILE A 311 -2.89 10.69 16.84
C ILE A 311 -3.03 9.72 18.02
N LYS A 312 -4.20 9.60 18.60
CA LYS A 312 -4.41 8.67 19.72
C LYS A 312 -4.16 7.23 19.34
N VAL A 313 -4.57 6.88 18.13
CA VAL A 313 -4.31 5.54 17.60
C VAL A 313 -2.83 5.30 17.48
N LEU A 314 -2.09 6.27 16.93
CA LEU A 314 -0.62 6.12 16.83
C LEU A 314 0.04 5.95 18.21
N TYR A 315 -0.36 6.79 19.17
CA TYR A 315 0.19 6.70 20.53
C TYR A 315 -0.04 5.32 21.11
N SER A 316 -1.26 4.83 20.98
CA SER A 316 -1.65 3.53 21.52
C SER A 316 -0.98 2.36 20.83
N LEU A 317 -0.86 2.44 19.49
CA LEU A 317 -0.18 1.40 18.74
C LEU A 317 1.28 1.33 19.14
N ASP A 318 1.93 2.49 19.19
CA ASP A 318 3.33 2.56 19.59
C ASP A 318 3.51 1.95 20.99
N LYS A 319 2.59 2.26 21.90
CA LYS A 319 2.69 1.78 23.29
C LYS A 319 2.59 0.25 23.31
N SER A 320 1.61 -0.30 22.59
CA SER A 320 1.40 -1.74 22.58
C SER A 320 2.59 -2.46 21.91
N LEU A 321 3.11 -1.92 20.81
CA LEU A 321 4.30 -2.50 20.18
C LEU A 321 5.53 -2.42 21.08
N SER A 322 5.74 -1.27 21.72
CA SER A 322 6.94 -1.08 22.56
C SER A 322 7.00 -2.06 23.72
N ALA A 323 5.85 -2.46 24.21
CA ALA A 323 5.79 -3.45 25.29
C ALA A 323 6.40 -4.81 24.90
N LYS A 324 6.43 -5.09 23.60
CA LYS A 324 6.99 -6.32 23.05
C LYS A 324 8.31 -6.08 22.31
N GLY A 325 8.91 -4.92 22.51
CA GLY A 325 10.19 -4.57 21.91
C GLY A 325 10.14 -4.14 20.47
N TYR A 326 8.96 -3.71 19.99
CA TYR A 326 8.79 -3.36 18.60
C TYR A 326 8.57 -1.86 18.42
N ASP A 327 8.73 -1.40 17.17
CA ASP A 327 8.57 -0.01 16.77
C ASP A 327 7.44 0.05 15.70
N LEU A 328 6.97 1.26 15.40
CA LEU A 328 5.97 1.40 14.33
C LEU A 328 6.49 0.80 13.01
N SER A 329 7.81 0.87 12.77
CA SER A 329 8.40 0.30 11.55
C SER A 329 8.31 -1.24 11.45
N ASP A 330 7.94 -1.91 12.53
CA ASP A 330 7.66 -3.33 12.47
C ASP A 330 6.31 -3.69 11.89
N VAL A 331 5.42 -2.70 11.78
CA VAL A 331 4.10 -2.93 11.21
C VAL A 331 3.65 -1.92 10.14
N MET A 332 4.40 -0.86 9.95
CA MET A 332 4.06 0.22 9.00
C MET A 332 5.28 0.56 8.16
N ALA A 333 5.03 1.10 6.97
CA ALA A 333 6.07 1.30 5.97
C ALA A 333 6.96 2.49 6.31
N VAL A 334 8.22 2.39 5.93
CA VAL A 334 9.24 3.40 6.15
C VAL A 334 9.57 4.08 4.82
N ALA A 335 9.38 5.39 4.80
CA ALA A 335 9.60 6.19 3.60
C ALA A 335 10.99 5.93 3.01
N ALA A 336 11.02 5.63 1.71
CA ALA A 336 12.23 5.38 0.92
C ALA A 336 13.00 4.12 1.24
N LYS A 337 12.74 3.51 2.36
CA LYS A 337 13.43 2.27 2.75
C LYS A 337 12.64 1.03 2.34
N ASP A 338 11.30 1.06 2.54
CA ASP A 338 10.43 -0.02 2.09
C ASP A 338 10.07 0.26 0.65
N LYS A 339 10.91 -0.23 -0.26
CA LYS A 339 10.77 0.07 -1.65
C LYS A 339 9.46 -0.52 -2.22
N ALA A 340 9.05 -1.66 -1.66
CA ALA A 340 7.84 -2.40 -2.03
C ALA A 340 6.68 -1.95 -1.15
N SER A 341 6.56 -0.61 -1.09
CA SER A 341 5.47 0.02 -0.35
C SER A 341 5.01 1.27 -1.04
N THR A 342 3.86 1.76 -0.58
CA THR A 342 3.30 3.01 -1.15
C THR A 342 4.10 4.26 -0.77
N VAL A 343 5.07 4.11 0.16
CA VAL A 343 5.96 5.22 0.51
C VAL A 343 7.41 5.00 0.06
N GLY A 344 7.60 4.07 -0.87
CA GLY A 344 8.92 3.77 -1.36
C GLY A 344 9.62 4.97 -2.02
N SER A 345 8.86 5.90 -2.58
CA SER A 345 9.38 7.15 -3.17
C SER A 345 8.86 8.40 -2.45
N TYR A 346 8.90 8.34 -1.15
CA TYR A 346 8.63 9.53 -0.32
C TYR A 346 9.97 10.15 0.02
N GLY A 347 10.43 11.08 -0.83
CA GLY A 347 11.81 11.59 -0.77
C GLY A 347 11.98 12.78 0.14
N GLY A 348 13.11 13.45 0.01
CA GLY A 348 13.38 14.62 0.81
C GLY A 348 13.69 14.25 2.25
N VAL A 349 13.34 15.14 3.15
CA VAL A 349 13.60 14.90 4.58
C VAL A 349 12.83 13.71 5.15
N MET A 350 11.76 13.26 4.49
CA MET A 350 11.07 12.07 4.97
C MET A 350 11.82 10.78 4.79
N ALA A 351 12.69 10.71 3.78
CA ALA A 351 13.37 9.45 3.47
C ALA A 351 14.14 8.97 4.69
N GLY A 352 13.85 7.75 5.10
CA GLY A 352 14.53 7.11 6.21
C GLY A 352 14.15 7.57 7.59
N SER A 353 13.35 8.65 7.69
CA SER A 353 12.96 9.22 8.99
C SER A 353 11.50 8.98 9.33
N THR A 354 10.69 8.64 8.34
CA THR A 354 9.24 8.72 8.43
C THR A 354 8.64 7.33 8.25
N THR A 355 7.76 6.97 9.18
CA THR A 355 7.03 5.70 9.15
C THR A 355 5.59 6.09 8.92
N ALA A 356 4.96 5.65 7.85
CA ALA A 356 3.67 6.24 7.49
C ALA A 356 2.80 5.32 6.65
N LYS A 357 1.50 5.57 6.72
CA LYS A 357 0.48 4.90 5.95
C LYS A 357 -0.25 5.96 5.12
N THR A 358 -0.43 5.67 3.84
CA THR A 358 -1.15 6.48 2.88
C THR A 358 -2.65 6.12 2.80
N GLY A 359 -3.40 7.03 2.20
CA GLY A 359 -4.78 6.73 1.82
C GLY A 359 -5.25 7.60 0.69
N SER A 360 -6.09 7.01 -0.16
CA SER A 360 -6.65 7.68 -1.33
C SER A 360 -8.07 7.16 -1.59
N VAL A 361 -9.07 8.06 -1.56
CA VAL A 361 -10.46 7.77 -2.00
C VAL A 361 -10.97 9.01 -2.73
N ASN A 362 -12.14 8.93 -3.33
CA ASN A 362 -12.66 10.02 -4.14
C ASN A 362 -12.46 11.39 -3.45
N LYS A 363 -12.92 11.48 -2.21
CA LYS A 363 -12.93 12.76 -1.49
C LYS A 363 -11.80 12.99 -0.54
N ALA A 364 -10.77 12.13 -0.55
CA ALA A 364 -9.68 12.34 0.40
C ALA A 364 -8.36 11.78 -0.03
N LYS A 365 -7.30 12.48 0.37
CA LYS A 365 -5.93 11.96 0.29
C LYS A 365 -5.37 12.13 1.70
N THR A 366 -4.83 11.06 2.27
CA THR A 366 -4.46 11.10 3.67
C THR A 366 -3.09 10.47 3.90
N LEU A 367 -2.51 10.79 5.06
CA LEU A 367 -1.23 10.23 5.53
C LEU A 367 -1.20 10.32 7.04
N MET A 368 -0.70 9.28 7.70
CA MET A 368 -0.47 9.37 9.14
C MET A 368 0.75 8.53 9.48
N GLY A 369 1.37 8.84 10.62
CA GLY A 369 2.53 8.08 11.04
C GLY A 369 3.36 8.86 12.02
N SER A 370 4.65 8.56 12.00
CA SER A 370 5.62 9.23 12.82
C SER A 370 6.77 9.76 11.98
N VAL A 371 7.30 10.89 12.44
CA VAL A 371 8.55 11.41 11.91
C VAL A 371 9.60 11.40 13.01
N SER A 372 10.82 10.97 12.66
CA SER A 372 11.96 10.94 13.55
C SER A 372 12.77 12.19 13.19
N THR A 373 12.87 13.08 14.16
CA THR A 373 13.54 14.37 14.00
C THR A 373 14.69 14.52 14.97
N LYS A 374 15.50 15.57 14.79
CA LYS A 374 16.52 15.95 15.78
C LYS A 374 15.91 16.09 17.17
N ASN A 375 14.69 16.60 17.26
CA ASN A 375 13.95 16.70 18.52
C ASN A 375 13.19 15.46 19.02
N GLY A 376 13.25 14.35 18.31
CA GLY A 376 12.57 13.12 18.70
C GLY A 376 11.41 12.73 17.78
N GLU A 377 10.67 11.74 18.23
CA GLU A 377 9.64 11.08 17.47
C GLU A 377 8.38 11.90 17.60
N ILE A 378 7.76 12.25 16.47
CA ILE A 378 6.55 13.05 16.45
C ILE A 378 5.47 12.31 15.67
N TYR A 379 4.29 12.12 16.26
CA TYR A 379 3.14 11.57 15.52
C TYR A 379 2.45 12.66 14.70
N PHE A 380 1.96 12.29 13.52
CA PHE A 380 1.24 13.24 12.70
C PHE A 380 0.11 12.56 11.96
N ALA A 381 -0.85 13.37 11.54
CA ALA A 381 -1.87 12.95 10.58
C ALA A 381 -2.28 14.13 9.74
N VAL A 382 -2.39 13.87 8.43
CA VAL A 382 -2.82 14.91 7.46
C VAL A 382 -3.99 14.38 6.67
N LEU A 383 -5.11 15.11 6.75
CA LEU A 383 -6.35 14.71 6.10
C LEU A 383 -6.66 15.78 5.06
N MET A 384 -6.50 15.45 3.77
CA MET A 384 -6.82 16.39 2.68
C MET A 384 -8.14 16.03 2.08
N HIS A 385 -8.78 17.07 1.58
CA HIS A 385 -9.92 16.97 0.71
C HIS A 385 -9.50 16.96 -0.77
N THR A 386 -10.11 16.07 -1.54
CA THR A 386 -9.98 16.00 -3.00
C THR A 386 -11.34 15.87 -3.62
N ASP A 387 -11.40 16.08 -4.94
CA ASP A 387 -12.62 15.74 -5.72
C ASP A 387 -12.16 14.93 -6.95
N TYR A 388 -11.70 13.72 -6.65
CA TYR A 388 -11.11 12.86 -7.66
C TYR A 388 -12.10 12.54 -8.80
N ASP A 389 -13.40 12.47 -8.47
CA ASP A 389 -14.39 12.24 -9.53
CA ASP A 389 -14.53 12.33 -9.44
C ASP A 389 -14.53 13.41 -10.53
N LYS A 390 -14.27 14.65 -10.10
CA LYS A 390 -14.30 15.81 -10.98
C LYS A 390 -12.96 15.93 -11.71
N SER A 391 -11.89 15.59 -11.00
CA SER A 391 -10.56 15.76 -11.54
C SER A 391 -9.61 14.74 -10.96
N ARG A 392 -9.27 13.78 -11.78
CA ARG A 392 -8.44 12.66 -11.32
C ARG A 392 -7.05 13.12 -10.93
N SER A 393 -6.61 14.29 -11.41
CA SER A 393 -5.31 14.82 -11.03
C SER A 393 -5.20 15.25 -9.57
N ASP A 394 -6.32 15.34 -8.88
CA ASP A 394 -6.32 15.80 -7.47
C ASP A 394 -5.48 14.93 -6.57
N TRP A 395 -5.44 13.61 -6.76
CA TRP A 395 -4.65 12.78 -5.85
C TRP A 395 -3.17 13.16 -5.91
N GLY A 396 -2.63 13.33 -7.10
CA GLY A 396 -1.23 13.69 -7.20
C GLY A 396 -0.94 15.07 -6.65
N VAL A 397 -1.86 16.01 -6.85
CA VAL A 397 -1.70 17.34 -6.30
C VAL A 397 -1.70 17.28 -4.76
N ALA A 398 -2.70 16.61 -4.20
CA ALA A 398 -2.78 16.47 -2.73
C ALA A 398 -1.57 15.74 -2.17
N SER A 399 -1.11 14.73 -2.87
CA SER A 399 -0.01 13.93 -2.35
C SER A 399 1.21 14.82 -2.09
N GLN A 400 1.60 15.64 -3.06
CA GLN A 400 2.78 16.47 -2.86
C GLN A 400 2.52 17.55 -1.81
N GLN A 401 1.31 18.07 -1.73
CA GLN A 401 0.99 19.01 -0.65
C GLN A 401 1.16 18.37 0.72
N ILE A 402 0.71 17.12 0.88
CA ILE A 402 0.90 16.40 2.12
C ILE A 402 2.38 16.24 2.42
N LYS A 403 3.15 15.78 1.44
CA LYS A 403 4.58 15.57 1.65
C LYS A 403 5.27 16.85 2.10
N ASN A 404 4.89 17.96 1.49
CA ASN A 404 5.47 19.25 1.87
C ASN A 404 5.08 19.65 3.28
N LYS A 405 3.85 19.36 3.68
CA LYS A 405 3.43 19.68 5.07
C LYS A 405 4.19 18.83 6.10
N VAL A 406 4.38 17.54 5.79
CA VAL A 406 5.14 16.70 6.70
C VAL A 406 6.62 17.13 6.72
N SER A 407 7.15 17.51 5.55
CA SER A 407 8.54 17.97 5.48
C SER A 407 8.72 19.24 6.32
N GLN A 408 7.74 20.13 6.26
CA GLN A 408 7.77 21.38 7.06
C GLN A 408 7.81 21.03 8.55
N LEU A 409 6.98 20.07 8.97
CA LEU A 409 6.98 19.63 10.35
C LEU A 409 8.35 19.12 10.80
N ILE A 410 9.00 18.36 9.93
CA ILE A 410 10.35 17.89 10.21
C ILE A 410 11.35 19.06 10.32
N ASN A 411 11.27 20.01 9.38
CA ASN A 411 12.14 21.20 9.34
C ASN A 411 12.06 21.93 10.67
N GLN A 412 10.84 22.06 11.19
CA GLN A 412 10.58 22.82 12.42
C GLN A 412 10.98 22.08 13.69
N ASN A 413 11.42 20.83 13.54
CA ASN A 413 11.94 20.06 14.67
C ASN A 413 13.40 19.63 14.47
N GLY A 414 14.16 20.50 13.78
CA GLY A 414 15.60 20.33 13.55
C GLY A 414 16.08 19.42 12.47
N GLY A 415 15.16 19.03 11.58
CA GLY A 415 15.48 18.16 10.47
C GLY A 415 15.35 16.70 10.82
N PRO A 416 15.62 15.81 9.86
CA PRO A 416 15.36 14.42 10.02
C PRO A 416 16.47 13.74 10.80
N LYS A 417 16.07 12.65 11.46
CA LYS A 417 16.99 11.71 12.05
C LYS A 417 16.61 10.34 11.54
N ALA A 418 17.56 9.64 10.94
CA ALA A 418 17.31 8.32 10.39
C ALA A 418 16.92 7.38 11.51
N ILE A 419 15.85 6.63 11.30
CA ILE A 419 15.47 5.58 12.24
C ILE A 419 16.36 4.35 12.05
N LYS A 420 16.39 3.51 13.06
CA LYS A 420 17.11 2.24 12.99
C LYS A 420 16.16 1.27 12.31
N TYR A 421 16.45 0.94 11.07
CA TYR A 421 15.55 0.13 10.26
C TYR A 421 16.30 -0.50 9.10
N THR A 422 16.08 -1.79 8.88
CA THR A 422 16.55 -2.51 7.71
C THR A 422 15.30 -3.04 7.00
N GLU A 423 15.22 -2.81 5.70
CA GLU A 423 14.06 -3.22 4.90
C GLU A 423 13.73 -4.69 5.14
N GLN A 424 12.46 -4.92 5.48
CA GLN A 424 11.96 -6.25 5.77
C GLN A 424 11.38 -6.89 4.49
N LEU A 425 11.31 -8.22 4.47
CA LEU A 425 10.73 -8.96 3.38
C LEU A 425 9.59 -9.80 3.93
N PRO A 426 8.39 -9.19 4.05
CA PRO A 426 7.32 -9.89 4.72
C PRO A 426 6.68 -10.93 3.79
N LEU A 427 6.71 -12.20 4.17
CA LEU A 427 6.03 -13.28 3.47
C LEU A 427 4.92 -13.82 4.37
N PRO A 428 4.03 -14.65 3.82
CA PRO A 428 2.95 -15.20 4.63
C PRO A 428 3.40 -16.25 5.63
N PHE A 429 4.65 -16.69 5.51
CA PHE A 429 5.24 -17.76 6.32
C PHE A 429 6.67 -17.33 6.69
N ASP A 430 7.24 -18.00 7.68
CA ASP A 430 8.66 -17.80 8.01
C ASP A 430 9.26 -19.15 8.40
N LYS A 431 10.44 -19.12 9.00
CA LYS A 431 11.15 -20.36 9.38
C LYS A 431 10.48 -21.18 10.50
N TYR A 432 9.40 -20.65 11.10
CA TYR A 432 8.61 -21.44 12.07
C TYR A 432 7.30 -21.95 11.51
N SER A 433 7.09 -21.76 10.20
CA SER A 433 5.85 -22.17 9.54
C SER A 433 5.85 -23.59 9.03
N TYR A 434 6.98 -24.28 9.09
CA TYR A 434 7.04 -25.65 8.60
C TYR A 434 5.96 -26.51 9.24
N LEU A 435 5.40 -27.43 8.46
CA LEU A 435 4.38 -28.33 8.99
C LEU A 435 4.98 -29.16 10.07
N THR A 436 4.32 -29.17 11.22
CA THR A 436 4.87 -29.84 12.38
C THR A 436 3.74 -30.51 13.16
N LYS A 437 4.01 -31.63 13.80
CA LYS A 437 3.01 -32.28 14.64
C LYS A 437 2.58 -31.32 15.72
N ALA A 438 1.29 -31.34 16.03
CA ALA A 438 0.72 -30.49 17.09
C ALA A 438 1.30 -30.85 18.46
N LYS B 28 -15.76 5.93 -28.70
CA LYS B 28 -16.38 6.03 -27.35
C LYS B 28 -15.52 5.34 -26.29
N SER B 29 -15.36 5.99 -25.14
CA SER B 29 -14.68 5.38 -24.01
C SER B 29 -15.54 4.27 -23.40
N SER B 30 -14.87 3.36 -22.70
CA SER B 30 -15.51 2.30 -21.93
C SER B 30 -15.26 2.57 -20.45
N LYS B 31 -16.32 2.79 -19.70
CA LYS B 31 -16.19 2.96 -18.25
C LYS B 31 -15.63 1.71 -17.59
N ALA B 32 -16.07 0.53 -18.06
CA ALA B 32 -15.60 -0.74 -17.51
C ALA B 32 -14.10 -0.96 -17.74
N LEU B 33 -13.63 -0.67 -18.95
CA LEU B 33 -12.21 -0.77 -19.25
C LEU B 33 -11.38 0.17 -18.37
N ASN B 34 -11.81 1.44 -18.30
CA ASN B 34 -11.10 2.44 -17.49
C ASN B 34 -11.00 2.06 -16.02
N GLU B 35 -12.11 1.53 -15.47
CA GLU B 35 -12.12 1.02 -14.10
C GLU B 35 -11.19 -0.18 -13.89
N ALA B 36 -11.25 -1.15 -14.80
CA ALA B 36 -10.33 -2.31 -14.70
C ALA B 36 -8.88 -1.89 -14.79
N ALA B 37 -8.61 -0.91 -15.66
CA ALA B 37 -7.25 -0.42 -15.83
C ALA B 37 -6.68 0.25 -14.58
N GLU B 38 -7.52 1.03 -13.90
CA GLU B 38 -7.11 1.69 -12.66
C GLU B 38 -6.99 0.68 -11.51
N GLN B 39 -7.87 -0.31 -11.49
CA GLN B 39 -7.94 -1.29 -10.39
C GLN B 39 -6.86 -2.38 -10.46
N GLY B 40 -6.23 -2.54 -11.62
CA GLY B 40 -5.19 -3.53 -11.78
C GLY B 40 -5.73 -4.89 -12.16
N ASP B 41 -6.91 -4.96 -12.77
CA ASP B 41 -7.49 -6.23 -13.23
C ASP B 41 -7.14 -6.47 -14.69
N LEU B 42 -5.97 -7.05 -14.92
CA LEU B 42 -5.44 -7.27 -16.26
C LEU B 42 -6.33 -8.21 -17.08
N ALA B 43 -6.85 -9.25 -16.43
CA ALA B 43 -7.71 -10.20 -17.15
C ALA B 43 -8.90 -9.48 -17.73
N LYS B 44 -9.50 -8.60 -16.94
CA LYS B 44 -10.66 -7.84 -17.35
C LYS B 44 -10.30 -6.88 -18.49
N VAL B 45 -9.13 -6.27 -18.38
CA VAL B 45 -8.62 -5.42 -19.46
C VAL B 45 -8.44 -6.22 -20.77
N LYS B 46 -7.77 -7.37 -20.72
CA LYS B 46 -7.58 -8.21 -21.92
C LYS B 46 -8.91 -8.68 -22.53
N ASN B 47 -9.87 -9.00 -21.65
CA ASN B 47 -11.21 -9.40 -22.11
C ASN B 47 -12.03 -8.29 -22.74
N LEU B 48 -11.66 -7.03 -22.55
CA LEU B 48 -12.35 -5.90 -23.21
C LEU B 48 -11.61 -5.33 -24.42
N VAL B 49 -10.29 -5.34 -24.37
CA VAL B 49 -9.48 -4.70 -25.40
C VAL B 49 -9.39 -5.57 -26.65
N GLN B 50 -9.17 -6.87 -26.48
CA GLN B 50 -9.00 -7.80 -27.62
C GLN B 50 -10.31 -7.98 -28.38
N LYS B 51 -11.43 -7.87 -27.67
CA LYS B 51 -12.76 -7.73 -28.31
C LYS B 51 -12.83 -6.49 -29.24
N ASN B 52 -11.95 -5.49 -29.01
CA ASN B 52 -11.61 -4.41 -29.98
C ASN B 52 -12.80 -3.63 -30.59
N LYS B 53 -13.83 -3.45 -29.75
CA LYS B 53 -14.92 -2.52 -30.00
C LYS B 53 -14.56 -1.13 -29.43
N ILE B 54 -13.39 -1.04 -28.77
CA ILE B 54 -13.03 0.16 -28.03
C ILE B 54 -11.83 0.86 -28.65
N ASP B 55 -12.01 2.14 -28.88
CA ASP B 55 -10.94 3.03 -29.28
C ASP B 55 -10.17 3.36 -28.05
N LEU B 56 -8.93 2.85 -27.97
CA LEU B 56 -8.13 3.01 -26.76
C LEU B 56 -7.66 4.43 -26.57
N ASN B 57 -7.77 5.29 -27.59
CA ASN B 57 -7.43 6.70 -27.44
C ASN B 57 -8.65 7.57 -27.11
N ALA B 58 -9.85 6.99 -27.09
CA ALA B 58 -11.02 7.77 -26.69
C ALA B 58 -10.96 8.19 -25.22
N GLN B 59 -11.37 9.43 -24.98
CA GLN B 59 -11.30 10.01 -23.65
C GLN B 59 -12.70 10.15 -23.04
N ASP B 60 -12.77 9.97 -21.73
CA ASP B 60 -14.02 10.05 -21.02
C ASP B 60 -14.36 11.49 -20.64
N GLU B 61 -15.39 11.65 -19.81
CA GLU B 61 -15.91 12.98 -19.48
C GLU B 61 -14.93 13.92 -18.76
N THR B 62 -13.91 13.37 -18.09
CA THR B 62 -12.85 14.19 -17.48
C THR B 62 -11.51 14.12 -18.23
N GLY B 63 -11.53 13.53 -19.43
CA GLY B 63 -10.37 13.43 -20.34
C GLY B 63 -9.48 12.23 -20.15
N MET B 64 -9.93 11.26 -19.35
CA MET B 64 -9.11 10.08 -19.05
C MET B 64 -9.15 9.05 -20.16
N THR B 65 -8.03 8.41 -20.35
CA THR B 65 -7.88 7.23 -21.19
C THR B 65 -7.58 6.00 -20.33
N PRO B 66 -7.70 4.80 -20.93
CA PRO B 66 -7.23 3.60 -20.24
C PRO B 66 -5.79 3.71 -19.76
N LEU B 67 -4.90 4.24 -20.59
CA LEU B 67 -3.50 4.33 -20.21
C LEU B 67 -3.31 5.20 -18.98
N MET B 68 -4.00 6.34 -18.93
CA MET B 68 -3.92 7.21 -17.74
C MET B 68 -4.37 6.48 -16.49
N ASN B 69 -5.48 5.76 -16.59
CA ASN B 69 -5.96 4.97 -15.48
C ASN B 69 -4.95 3.93 -15.02
N ALA B 70 -4.35 3.18 -15.96
CA ALA B 70 -3.37 2.16 -15.61
C ALA B 70 -2.14 2.79 -14.96
N ALA B 71 -1.70 3.92 -15.50
CA ALA B 71 -0.53 4.62 -14.97
C ALA B 71 -0.76 5.14 -13.55
N MET B 72 -1.90 5.80 -13.34
CA MET B 72 -2.27 6.36 -12.03
C MET B 72 -2.35 5.27 -10.97
N GLY B 73 -2.85 4.11 -11.37
CA GLY B 73 -2.99 2.98 -10.46
C GLY B 73 -1.73 2.15 -10.29
N GLY B 74 -0.64 2.53 -10.98
CA GLY B 74 0.63 1.83 -10.84
C GLY B 74 0.62 0.41 -11.39
N ASN B 75 -0.12 0.22 -12.47
CA ASN B 75 -0.40 -1.12 -12.99
C ASN B 75 0.49 -1.36 -14.20
N LEU B 76 1.70 -1.81 -13.92
CA LEU B 76 2.72 -1.98 -14.93
C LEU B 76 2.38 -2.99 -16.03
N ASP B 77 1.87 -4.16 -15.63
CA ASP B 77 1.46 -5.15 -16.65
C ASP B 77 0.39 -4.59 -17.58
N ILE B 78 -0.56 -3.84 -17.04
CA ILE B 78 -1.62 -3.26 -17.87
C ILE B 78 -1.03 -2.17 -18.77
N VAL B 79 -0.12 -1.35 -18.25
CA VAL B 79 0.55 -0.35 -19.08
C VAL B 79 1.29 -1.05 -20.22
N LYS B 80 2.02 -2.12 -19.92
CA LYS B 80 2.76 -2.81 -20.96
C LYS B 80 1.83 -3.37 -22.05
N PHE B 81 0.69 -3.93 -21.62
CA PHE B 81 -0.31 -4.43 -22.54
C PHE B 81 -0.84 -3.32 -23.46
N LEU B 82 -1.16 -2.18 -22.88
CA LEU B 82 -1.65 -1.05 -23.68
C LEU B 82 -0.57 -0.47 -24.60
N LEU B 83 0.68 -0.42 -24.15
CA LEU B 83 1.77 0.01 -25.03
C LEU B 83 1.91 -0.92 -26.24
N SER B 84 1.66 -2.21 -26.05
CA SER B 84 1.72 -3.16 -27.17
C SER B 84 0.62 -2.92 -28.20
N LYS B 85 -0.46 -2.25 -27.81
CA LYS B 85 -1.52 -1.82 -28.73
C LYS B 85 -1.24 -0.46 -29.37
N LYS B 86 -0.10 0.15 -29.06
CA LYS B 86 0.37 1.39 -29.70
C LYS B 86 -0.54 2.58 -29.41
N VAL B 87 -1.04 2.66 -28.17
CA VAL B 87 -1.88 3.78 -27.78
C VAL B 87 -1.09 5.10 -27.81
N ASN B 88 -1.80 6.20 -27.95
CA ASN B 88 -1.18 7.52 -27.93
C ASN B 88 -0.76 7.87 -26.51
N LEU B 89 0.51 8.24 -26.34
CA LEU B 89 1.05 8.50 -25.02
C LEU B 89 0.80 9.88 -24.47
N GLU B 90 0.37 10.79 -25.33
CA GLU B 90 0.40 12.22 -25.03
C GLU B 90 -0.96 12.88 -24.84
N LEU B 91 -2.02 12.09 -24.85
CA LEU B 91 -3.32 12.65 -24.51
C LEU B 91 -3.29 13.15 -23.07
N LYS B 92 -4.12 14.15 -22.78
CA LYS B 92 -4.16 14.81 -21.49
C LYS B 92 -5.56 14.84 -20.93
N ASN B 93 -5.66 14.65 -19.61
CA ASN B 93 -6.97 14.81 -18.95
C ASN B 93 -7.30 16.27 -18.72
N ASN B 94 -8.38 16.54 -17.99
CA ASN B 94 -8.75 17.93 -17.69
C ASN B 94 -7.76 18.69 -16.80
N GLY B 95 -6.91 17.96 -16.08
CA GLY B 95 -5.83 18.55 -15.33
C GLY B 95 -4.56 18.77 -16.14
N GLY B 96 -4.62 18.51 -17.44
CA GLY B 96 -3.45 18.71 -18.31
C GLY B 96 -2.39 17.65 -18.27
N GLU B 97 -2.71 16.50 -17.66
CA GLU B 97 -1.73 15.47 -17.40
C GLU B 97 -1.77 14.34 -18.38
N THR B 98 -0.59 13.97 -18.88
CA THR B 98 -0.42 12.75 -19.66
C THR B 98 -0.28 11.56 -18.70
N ALA B 99 -0.35 10.37 -19.25
CA ALA B 99 -0.12 9.15 -18.49
C ALA B 99 1.17 9.19 -17.67
N LEU B 100 2.24 9.72 -18.27
CA LEU B 100 3.50 9.80 -17.55
C LEU B 100 3.38 10.72 -16.34
N ALA B 101 2.69 11.85 -16.50
CA ALA B 101 2.42 12.70 -15.34
C ALA B 101 1.61 11.99 -14.29
N PHE B 102 0.60 11.24 -14.66
CA PHE B 102 -0.15 10.43 -13.68
C PHE B 102 0.75 9.47 -12.93
N ALA B 103 1.66 8.82 -13.63
CA ALA B 103 2.53 7.84 -13.00
C ALA B 103 3.45 8.53 -11.99
N VAL B 104 4.16 9.57 -12.42
CA VAL B 104 5.10 10.26 -11.53
C VAL B 104 4.37 10.80 -10.33
N THR B 105 3.26 11.50 -10.55
CA THR B 105 2.58 12.16 -9.44
C THR B 105 1.92 11.20 -8.47
N ASN B 106 1.63 9.97 -8.90
CA ASN B 106 1.11 8.95 -8.01
C ASN B 106 2.16 7.96 -7.54
N ASP B 107 3.44 8.32 -7.68
CA ASP B 107 4.58 7.53 -7.21
C ASP B 107 4.65 6.15 -7.85
N ALA B 108 4.13 6.01 -9.08
CA ALA B 108 4.26 4.79 -9.86
C ALA B 108 5.49 4.90 -10.74
N TYR B 109 6.65 4.86 -10.10
CA TYR B 109 7.91 5.12 -10.77
C TYR B 109 8.39 3.97 -11.64
N ASP B 110 7.98 2.73 -11.33
CA ASP B 110 8.17 1.65 -12.29
C ASP B 110 7.44 1.90 -13.63
N VAL B 111 6.21 2.39 -13.51
CA VAL B 111 5.43 2.75 -14.67
C VAL B 111 6.08 3.92 -15.40
N ALA B 112 6.51 4.90 -14.63
CA ALA B 112 7.14 6.08 -15.24
C ALA B 112 8.36 5.62 -16.07
N GLU B 113 9.19 4.75 -15.51
CA GLU B 113 10.34 4.25 -16.27
C GLU B 113 9.94 3.57 -17.54
N GLU B 114 8.90 2.75 -17.46
CA GLU B 114 8.38 2.05 -18.64
C GLU B 114 7.96 3.04 -19.70
N LEU B 115 7.21 4.07 -19.29
CA LEU B 115 6.69 5.06 -20.23
C LEU B 115 7.80 5.87 -20.87
N ILE B 116 8.80 6.24 -20.08
CA ILE B 116 9.94 6.99 -20.65
C ILE B 116 10.72 6.13 -21.68
N LYS B 117 10.98 4.86 -21.36
CA LYS B 117 11.60 3.94 -22.30
C LYS B 117 10.78 3.71 -23.56
N ALA B 118 9.46 3.85 -23.44
CA ALA B 118 8.54 3.74 -24.56
C ALA B 118 8.36 5.02 -25.36
N GLY B 119 9.08 6.08 -24.98
CA GLY B 119 9.12 7.32 -25.73
C GLY B 119 8.16 8.40 -25.32
N ALA B 120 7.61 8.29 -24.12
CA ALA B 120 6.72 9.33 -23.62
C ALA B 120 7.50 10.63 -23.45
N ASN B 121 6.87 11.74 -23.76
CA ASN B 121 7.45 13.07 -23.62
C ASN B 121 7.69 13.36 -22.14
N VAL B 122 8.93 13.73 -21.82
CA VAL B 122 9.28 14.07 -20.46
C VAL B 122 9.19 15.57 -20.17
N ASP B 123 9.12 16.41 -21.21
CA ASP B 123 8.99 17.86 -21.05
C ASP B 123 7.52 18.22 -20.93
N ILE B 124 6.97 17.90 -19.76
CA ILE B 124 5.54 18.10 -19.48
C ILE B 124 5.38 18.71 -18.11
N ILE B 125 4.17 19.20 -17.85
CA ILE B 125 3.79 19.88 -16.62
C ILE B 125 2.76 19.04 -15.87
N VAL B 126 2.96 18.94 -14.55
CA VAL B 126 2.03 18.21 -13.70
C VAL B 126 0.99 19.20 -13.15
N ALA B 127 -0.11 18.64 -12.71
CA ALA B 127 -1.24 19.44 -12.25
C ALA B 127 -0.88 20.22 -10.99
N GLY B 128 -1.62 21.30 -10.75
CA GLY B 128 -1.43 22.19 -9.60
C GLY B 128 -1.13 23.61 -10.00
N ASP B 129 -1.34 24.50 -9.05
CA ASP B 129 -1.16 25.95 -9.30
C ASP B 129 0.25 26.34 -9.65
N GLU B 130 1.22 25.56 -9.22
CA GLU B 130 2.62 25.89 -9.42
C GLU B 130 3.11 25.61 -10.84
N GLY B 131 2.41 24.73 -11.57
CA GLY B 131 2.89 24.30 -12.89
C GLY B 131 4.26 23.62 -12.80
N ASP B 132 4.46 22.81 -11.77
CA ASP B 132 5.69 22.06 -11.61
C ASP B 132 5.97 21.22 -12.86
N THR B 133 7.23 21.21 -13.26
CA THR B 133 7.65 20.29 -14.30
C THR B 133 7.63 18.85 -13.80
N LEU B 134 7.48 17.92 -14.70
CA LEU B 134 7.64 16.49 -14.37
C LEU B 134 8.99 16.25 -13.66
N PHE B 135 10.04 16.85 -14.19
CA PHE B 135 11.37 16.72 -13.59
C PHE B 135 11.36 17.13 -12.13
N MET B 136 10.77 18.29 -11.82
CA MET B 136 10.72 18.74 -10.44
C MET B 136 10.06 17.76 -9.51
N ARG B 137 8.96 17.21 -9.93
CA ARG B 137 8.21 16.28 -9.11
C ARG B 137 9.04 15.02 -8.87
N ALA B 138 9.65 14.47 -9.92
CA ALA B 138 10.56 13.32 -9.77
C ALA B 138 11.77 13.65 -8.89
N ALA B 139 12.31 14.85 -9.03
CA ALA B 139 13.50 15.23 -8.26
C ALA B 139 13.28 15.21 -6.78
N GLN B 140 12.08 15.56 -6.36
CA GLN B 140 11.80 15.52 -4.93
C GLN B 140 11.68 14.11 -4.40
N ASN B 141 11.45 13.11 -5.24
CA ASN B 141 10.94 11.81 -4.81
C ASN B 141 11.67 10.58 -5.33
N ASN B 142 12.14 10.55 -6.57
CA ASN B 142 12.73 9.34 -7.14
C ASN B 142 13.88 9.70 -8.04
N LYS B 143 15.09 9.46 -7.55
CA LYS B 143 16.29 9.84 -8.24
C LYS B 143 16.47 9.15 -9.59
N LYS B 144 16.14 7.87 -9.66
CA LYS B 144 16.30 7.11 -10.90
C LYS B 144 15.45 7.73 -12.00
N THR B 145 14.19 8.06 -11.71
CA THR B 145 13.33 8.66 -12.72
C THR B 145 13.74 10.09 -13.04
N ALA B 146 14.18 10.84 -12.04
CA ALA B 146 14.70 12.17 -12.32
C ALA B 146 15.87 12.08 -13.34
N GLU B 147 16.77 11.13 -13.12
CA GLU B 147 17.91 10.88 -14.04
C GLU B 147 17.40 10.46 -15.43
N SER B 148 16.41 9.58 -15.50
CA SER B 148 15.86 9.18 -16.77
C SER B 148 15.27 10.35 -17.56
N ILE B 149 14.63 11.26 -16.86
CA ILE B 149 14.09 12.46 -17.50
C ILE B 149 15.22 13.32 -18.07
N LEU B 150 16.24 13.57 -17.28
CA LEU B 150 17.36 14.40 -17.73
C LEU B 150 18.13 13.76 -18.88
N ALA B 151 18.17 12.44 -18.92
CA ALA B 151 18.83 11.74 -20.02
C ALA B 151 18.13 12.05 -21.35
N LYS B 152 16.83 12.34 -21.32
CA LYS B 152 16.08 12.72 -22.53
C LYS B 152 16.18 14.20 -22.88
N ASN B 153 16.42 15.04 -21.88
CA ASN B 153 16.47 16.47 -22.06
C ASN B 153 17.26 17.08 -20.89
N LYS B 154 18.55 17.31 -21.11
CA LYS B 154 19.49 17.84 -20.12
C LYS B 154 19.01 19.16 -19.52
N SER B 155 18.40 20.02 -20.36
CA SER B 155 18.08 21.37 -19.93
C SER B 155 16.96 21.41 -18.91
N LEU B 156 16.21 20.32 -18.74
CA LEU B 156 15.11 20.37 -17.78
C LEU B 156 15.56 20.63 -16.35
N ILE B 157 16.83 20.41 -16.06
CA ILE B 157 17.38 20.74 -14.75
C ILE B 157 17.06 22.15 -14.32
N ASN B 158 17.07 23.10 -15.25
CA ASN B 158 16.81 24.50 -14.95
C ASN B 158 15.53 25.07 -15.55
N LYS B 159 14.62 24.21 -15.97
CA LYS B 159 13.34 24.68 -16.48
C LYS B 159 12.45 25.06 -15.32
N ALA B 160 12.01 26.31 -15.32
CA ALA B 160 11.23 26.82 -14.19
C ALA B 160 9.77 26.55 -14.38
N ASN B 161 9.09 26.44 -13.24
CA ASN B 161 7.64 26.37 -13.18
C ASN B 161 6.99 27.71 -13.34
N THR B 162 5.66 27.75 -13.20
CA THR B 162 4.92 28.97 -13.43
C THR B 162 5.29 30.09 -12.49
N LEU B 163 5.75 29.71 -11.30
CA LEU B 163 6.18 30.64 -10.26
C LEU B 163 7.67 31.02 -10.35
N GLY B 164 8.34 30.56 -11.38
CA GLY B 164 9.75 30.84 -11.58
C GLY B 164 10.70 29.98 -10.80
N GLU B 165 10.22 28.83 -10.31
CA GLU B 165 11.05 27.97 -9.47
C GLU B 165 11.45 26.71 -10.21
N THR B 166 12.69 26.28 -9.97
CA THR B 166 13.21 25.00 -10.41
C THR B 166 13.23 24.01 -9.25
N ALA B 167 13.65 22.80 -9.55
CA ALA B 167 13.78 21.75 -8.52
C ALA B 167 14.63 22.16 -7.34
N LEU B 168 15.66 22.97 -7.60
CA LEU B 168 16.51 23.45 -6.51
C LEU B 168 15.69 24.15 -5.42
N PHE B 169 14.66 24.88 -5.83
CA PHE B 169 13.80 25.59 -4.87
C PHE B 169 12.97 24.61 -4.05
N ALA B 170 12.40 23.59 -4.72
CA ALA B 170 11.58 22.61 -4.00
C ALA B 170 12.38 21.85 -2.96
N VAL B 171 13.57 21.41 -3.35
CA VAL B 171 14.46 20.70 -2.45
C VAL B 171 15.03 21.63 -1.40
N ALA B 172 15.26 22.89 -1.75
CA ALA B 172 15.68 23.87 -0.74
C ALA B 172 14.66 23.92 0.38
N ARG B 173 13.35 23.93 0.04
CA ARG B 173 12.33 23.96 1.12
C ARG B 173 12.23 22.63 1.87
N TYR B 174 12.14 21.53 1.12
CA TYR B 174 11.65 20.31 1.71
C TYR B 174 12.56 19.09 1.58
N GLY B 175 13.77 19.30 1.07
CA GLY B 175 14.72 18.23 0.84
C GLY B 175 15.95 18.33 1.69
N THR B 176 16.96 17.59 1.28
CA THR B 176 18.17 17.41 2.04
C THR B 176 19.39 17.98 1.33
N PRO B 177 20.52 18.10 2.07
CA PRO B 177 21.75 18.51 1.42
C PRO B 177 22.17 17.56 0.30
N ALA B 178 21.90 16.26 0.46
CA ALA B 178 22.21 15.30 -0.59
C ALA B 178 21.37 15.53 -1.85
N ASP B 179 20.11 15.94 -1.68
CA ASP B 179 19.26 16.27 -2.81
C ASP B 179 19.81 17.48 -3.55
N ILE B 180 20.28 18.49 -2.80
CA ILE B 180 20.91 19.66 -3.40
C ILE B 180 22.12 19.22 -4.23
N ASP B 181 22.96 18.37 -3.66
CA ASP B 181 24.14 17.90 -4.39
C ASP B 181 23.76 17.18 -5.66
N PHE B 182 22.73 16.32 -5.63
CA PHE B 182 22.23 15.67 -6.82
C PHE B 182 21.91 16.69 -7.89
N LEU B 183 21.16 17.73 -7.53
CA LEU B 183 20.76 18.71 -8.53
C LEU B 183 21.92 19.47 -9.07
N ILE B 184 22.88 19.79 -8.22
CA ILE B 184 24.08 20.50 -8.67
C ILE B 184 24.88 19.61 -9.62
N LYS B 185 25.03 18.34 -9.27
CA LYS B 185 25.71 17.37 -10.11
C LYS B 185 25.09 17.25 -11.50
N LYS B 186 23.79 17.55 -11.60
CA LYS B 186 23.08 17.54 -12.88
C LYS B 186 22.99 18.90 -13.54
N GLY B 187 23.67 19.90 -13.02
CA GLY B 187 23.74 21.19 -13.69
C GLY B 187 22.88 22.30 -13.18
N ALA B 188 22.36 22.17 -11.96
CA ALA B 188 21.52 23.24 -11.44
C ALA B 188 22.25 24.57 -11.34
N ASP B 189 21.57 25.61 -11.79
CA ASP B 189 22.03 26.99 -11.73
C ASP B 189 21.70 27.47 -10.31
N LEU B 190 22.65 28.09 -9.65
CA LEU B 190 22.48 28.58 -8.26
C LEU B 190 21.93 29.99 -8.12
N LYS B 191 21.98 30.76 -9.20
CA LYS B 191 21.67 32.21 -9.14
C LYS B 191 20.26 32.57 -9.58
N LEU B 192 19.43 31.60 -9.89
CA LEU B 192 18.09 31.92 -10.40
C LEU B 192 17.25 32.55 -9.30
N LYS B 193 16.37 33.45 -9.70
CA LYS B 193 15.38 34.01 -8.81
C LYS B 193 13.98 33.66 -9.33
N ASN B 194 13.07 33.38 -8.41
CA ASN B 194 11.69 33.14 -8.74
C ASN B 194 10.97 34.46 -9.00
N LYS B 195 9.66 34.35 -9.27
CA LYS B 195 8.89 35.54 -9.64
C LYS B 195 8.65 36.52 -8.46
N LYS B 196 8.91 36.06 -7.24
CA LYS B 196 8.95 36.91 -6.04
C LYS B 196 10.32 37.55 -5.79
N GLY B 197 11.30 37.24 -6.65
CA GLY B 197 12.66 37.73 -6.48
C GLY B 197 13.52 36.95 -5.50
N GLN B 198 13.07 35.77 -5.11
CA GLN B 198 13.77 34.94 -4.15
C GLN B 198 14.71 33.93 -4.82
N THR B 199 15.85 33.71 -4.21
CA THR B 199 16.73 32.60 -4.58
C THR B 199 16.31 31.32 -3.87
N ALA B 200 16.93 30.21 -4.21
CA ALA B 200 16.72 28.95 -3.50
C ALA B 200 17.13 29.08 -2.03
N LEU B 201 18.24 29.74 -1.76
CA LEU B 201 18.65 29.98 -0.38
C LEU B 201 17.56 30.75 0.38
N ASP B 202 17.00 31.80 -0.26
CA ASP B 202 15.94 32.58 0.36
C ASP B 202 14.78 31.65 0.78
N VAL B 203 14.37 30.74 -0.10
CA VAL B 203 13.21 29.91 0.22
C VAL B 203 13.54 28.84 1.25
N ALA B 204 14.79 28.35 1.27
CA ALA B 204 15.21 27.48 2.35
C ALA B 204 15.07 28.13 3.72
N LYS B 205 15.56 29.34 3.82
CA LYS B 205 15.47 30.09 5.07
C LYS B 205 14.02 30.30 5.47
N GLU B 206 13.19 30.69 4.51
CA GLU B 206 11.78 30.93 4.76
C GLU B 206 11.03 29.68 5.23
N ALA B 207 11.40 28.50 4.73
CA ALA B 207 10.79 27.23 5.12
C ALA B 207 11.45 26.61 6.37
N SER B 208 12.41 27.33 6.97
CA SER B 208 13.09 26.89 8.21
C SER B 208 13.84 25.57 8.00
N ASN B 209 14.36 25.36 6.79
CA ASN B 209 15.21 24.21 6.50
C ASN B 209 16.62 24.55 6.78
N GLN B 210 17.04 24.36 8.02
CA GLN B 210 18.37 24.76 8.44
C GLN B 210 19.43 24.06 7.61
N ASP B 211 19.26 22.77 7.34
CA ASP B 211 20.33 22.03 6.67
C ASP B 211 20.53 22.44 5.22
N THR B 212 19.44 22.64 4.46
CA THR B 212 19.60 23.10 3.09
C THR B 212 20.04 24.57 3.02
N ALA B 213 19.60 25.40 3.97
CA ALA B 213 20.00 26.80 3.95
C ALA B 213 21.51 26.89 4.17
N LYS B 214 22.00 26.16 5.18
CA LYS B 214 23.44 26.13 5.46
C LYS B 214 24.20 25.69 4.22
N ALA B 215 23.73 24.60 3.60
CA ALA B 215 24.39 24.05 2.43
C ALA B 215 24.39 25.03 1.26
N LEU B 216 23.23 25.60 0.96
CA LEU B 216 23.13 26.56 -0.14
C LEU B 216 23.92 27.84 0.06
N SER B 217 24.05 28.30 1.31
CA SER B 217 24.83 29.50 1.60
C SER B 217 26.26 29.37 1.13
N LYS B 218 26.78 28.13 1.15
CA LYS B 218 28.18 27.82 0.86
C LYS B 218 28.43 27.42 -0.57
N LYS B 219 27.39 27.17 -1.36
CA LYS B 219 27.60 26.64 -2.71
C LYS B 219 28.21 27.66 -3.62
N LYS B 220 29.21 27.22 -4.38
CA LYS B 220 29.83 28.06 -5.42
C LYS B 220 29.63 27.50 -6.80
S SO4 C . -3.34 3.73 -0.80
O1 SO4 C . -2.74 3.17 -2.04
O2 SO4 C . -3.71 5.15 -0.94
O3 SO4 C . -4.52 2.82 -0.40
O4 SO4 C . -2.40 3.56 0.31
S SO4 D . 5.60 -7.57 -4.49
O1 SO4 D . 6.65 -7.43 -5.52
O2 SO4 D . 5.85 -6.62 -3.38
O3 SO4 D . 5.47 -8.96 -3.99
O4 SO4 D . 4.31 -7.15 -5.11
S SO4 E . -1.71 -19.14 -11.90
O1 SO4 E . -0.70 -18.05 -11.92
O2 SO4 E . -2.64 -19.04 -13.04
O3 SO4 E . -2.37 -19.29 -10.59
O4 SO4 E . -1.02 -20.48 -12.07
S SO4 F . 21.21 10.93 10.59
O1 SO4 F . 22.10 10.32 9.57
O2 SO4 F . 21.69 12.31 10.92
O3 SO4 F . 19.85 10.99 10.04
O4 SO4 F . 21.23 10.11 11.81
S SO4 G . -6.63 -31.82 17.79
O1 SO4 G . -6.14 -31.18 19.03
O2 SO4 G . -6.66 -30.83 16.69
O3 SO4 G . -8.00 -32.36 18.01
O4 SO4 G . -5.67 -32.91 17.48
S SO4 H . 2.12 -4.70 -11.70
O1 SO4 H . 3.54 -5.13 -11.76
O2 SO4 H . 2.02 -3.24 -11.42
O3 SO4 H . 1.45 -5.02 -12.96
O4 SO4 H . 1.50 -5.50 -10.59
#